data_1VQV
#
_entry.id   1VQV
#
_cell.length_a   65.580
_cell.length_b   65.580
_cell.length_c   192.060
_cell.angle_alpha   90.00
_cell.angle_beta   90.00
_cell.angle_gamma   90.00
#
_symmetry.space_group_name_H-M   'P 43'
#
loop_
_entity.id
_entity.type
_entity.pdbx_description
1 polymer 'thiamine monophosphate kinase'
2 non-polymer 'PHOSPHATE ION'
3 water water
#
_entity_poly.entity_id   1
_entity_poly.type   'polypeptide(L)'
_entity_poly.pdbx_seq_one_letter_code
;(MSE)RLKELGEFGLIDLIKKTLESKVIGDDTAPVEYCSKKLLLTTDVLNEGVHFLRSYIPEAVGWKAISVNVSDVIANG
GLPKWALISLNLPEDLEVSYVERFYIGVKRACEFYKCEVVGGNISKSEKIGISVFLVGETERFVGRDGARLGDSVFVSGT
LGDSRAGLELLL(MSE)EKEEYEPFELALIQRHLRPTARIDYVKHIQKYANAS(MSE)DISDGLVADANHLAQRSGVKIE
ILSEKLPLSNELK(MSE)YCEKYGKNPIEYALFGGEDYQLLFTHPKERWNPFLD(MSE)TEIGRVEEGEGVFVDGKKVEP
KGWKHF
;
_entity_poly.pdbx_strand_id   A,B
#
loop_
_chem_comp.id
_chem_comp.type
_chem_comp.name
_chem_comp.formula
PO4 non-polymer 'PHOSPHATE ION' 'O4 P -3'
#
# COMPACT_ATOMS: atom_id res chain seq x y z
N MSE A 1 -15.41 -21.67 -8.88
CA MSE A 1 -14.80 -21.12 -10.11
C MSE A 1 -14.69 -19.59 -10.03
O MSE A 1 -13.66 -19.05 -10.43
CB MSE A 1 -15.63 -21.52 -11.33
CG MSE A 1 -15.19 -20.87 -12.61
SE MSE A 1 -13.95 -21.99 -13.65
CE MSE A 1 -14.27 -21.21 -15.45
N ARG A 2 -15.72 -18.90 -9.54
CA ARG A 2 -15.67 -17.44 -9.42
C ARG A 2 -15.60 -16.99 -7.97
N LEU A 3 -15.06 -15.79 -7.76
CA LEU A 3 -14.89 -15.24 -6.43
C LEU A 3 -16.19 -15.19 -5.62
N LYS A 4 -17.26 -14.67 -6.20
CA LYS A 4 -18.52 -14.62 -5.46
C LYS A 4 -19.08 -16.01 -5.14
N GLU A 5 -18.83 -17.00 -6.00
CA GLU A 5 -19.31 -18.35 -5.74
C GLU A 5 -18.54 -18.94 -4.57
N LEU A 6 -17.54 -18.20 -4.09
CA LEU A 6 -16.71 -18.67 -2.99
C LEU A 6 -17.31 -18.29 -1.66
N GLY A 10 -13.19 -17.97 2.95
CA GLY A 10 -13.56 -18.47 1.64
C GLY A 10 -12.42 -18.29 0.64
N LEU A 11 -12.12 -17.03 0.33
CA LEU A 11 -11.04 -16.71 -0.61
C LEU A 11 -9.74 -16.59 0.17
N ILE A 12 -9.81 -15.88 1.29
CA ILE A 12 -8.63 -15.67 2.12
C ILE A 12 -8.01 -17.00 2.51
N ASP A 13 -8.83 -17.84 3.11
CA ASP A 13 -8.38 -19.14 3.55
C ASP A 13 -7.65 -19.89 2.43
N LEU A 14 -7.85 -19.47 1.18
CA LEU A 14 -7.17 -20.12 0.07
C LEU A 14 -5.81 -19.47 -0.18
N ILE A 15 -5.78 -18.15 0.04
CA ILE A 15 -4.58 -17.34 -0.14
C ILE A 15 -3.59 -17.73 0.95
N LYS A 16 -3.99 -17.53 2.19
CA LYS A 16 -3.13 -17.89 3.32
C LYS A 16 -2.59 -19.27 3.03
N LYS A 17 -3.44 -20.12 2.48
CA LYS A 17 -3.02 -21.46 2.16
C LYS A 17 -1.84 -21.40 1.16
N THR A 18 -2.13 -21.03 -0.09
CA THR A 18 -1.11 -20.95 -1.13
C THR A 18 0.21 -20.37 -0.60
N LEU A 19 0.13 -19.34 0.23
CA LEU A 19 1.33 -18.74 0.78
C LEU A 19 1.84 -19.50 2.00
N GLU A 20 0.92 -20.19 2.66
CA GLU A 20 1.23 -20.91 3.89
C GLU A 20 1.64 -19.83 4.90
N SER A 21 0.64 -19.15 5.47
CA SER A 21 0.81 -18.08 6.46
C SER A 21 -0.24 -18.14 7.60
N LYS A 22 0.09 -17.58 8.77
CA LYS A 22 -0.91 -17.51 9.83
C LYS A 22 -1.14 -16.01 9.80
N VAL A 23 -0.25 -15.38 9.05
CA VAL A 23 -0.25 -13.93 8.86
C VAL A 23 -0.59 -13.52 7.40
N ILE A 24 -1.84 -13.07 7.20
CA ILE A 24 -2.32 -12.56 5.91
C ILE A 24 -3.67 -11.86 6.09
N ASP A 26 -6.13 -6.48 12.36
CA ASP A 26 -5.92 -5.13 11.82
C ASP A 26 -4.45 -4.89 11.48
N ASP A 27 -3.56 -5.67 12.05
CA ASP A 27 -2.15 -5.53 11.78
C ASP A 27 -1.40 -6.82 11.77
N THR A 28 -0.19 -6.71 11.24
CA THR A 28 0.75 -7.81 11.22
C THR A 28 1.87 -7.28 12.06
N ALA A 29 2.24 -8.05 13.07
CA ALA A 29 3.31 -7.61 13.92
C ALA A 29 4.65 -8.26 13.52
N PRO A 30 5.62 -7.45 13.05
CA PRO A 30 6.95 -7.92 12.67
C PRO A 30 7.90 -7.19 13.66
N VAL A 31 8.69 -7.94 14.42
CA VAL A 31 9.65 -7.40 15.40
C VAL A 31 11.03 -7.51 14.87
N SER A 35 13.40 -4.96 16.93
CA SER A 35 13.84 -4.60 18.28
C SER A 35 12.56 -4.43 19.12
N LYS A 36 11.79 -3.43 18.67
CA LYS A 36 10.49 -3.05 19.22
C LYS A 36 9.60 -3.65 18.12
N LYS A 37 8.30 -3.42 18.17
CA LYS A 37 7.46 -3.96 17.13
C LYS A 37 6.93 -2.95 16.13
N LEU A 38 6.99 -3.33 14.87
CA LEU A 38 6.46 -2.48 13.82
C LEU A 38 5.10 -3.04 13.50
N LEU A 39 4.15 -2.16 13.23
CA LEU A 39 2.80 -2.59 12.90
C LEU A 39 2.48 -2.18 11.47
N LEU A 40 2.35 -3.16 10.60
CA LEU A 40 2.05 -2.89 9.20
C LEU A 40 0.57 -3.07 8.91
N THR A 41 -0.04 -2.07 8.27
CA THR A 41 -1.46 -2.11 7.92
C THR A 41 -1.81 -1.41 6.60
N THR A 42 -2.84 -1.93 5.96
CA THR A 42 -3.32 -1.41 4.69
C THR A 42 -4.85 -1.23 4.75
N ASP A 43 -5.34 -0.17 4.11
CA ASP A 43 -6.77 0.11 4.06
C ASP A 43 -7.09 0.51 2.63
N VAL A 44 -8.34 0.33 2.24
CA VAL A 44 -8.76 0.66 0.88
C VAL A 44 -10.11 1.34 0.84
N LEU A 45 -10.18 2.40 0.05
CA LEU A 45 -11.42 3.15 -0.15
C LEU A 45 -11.63 3.23 -1.65
N ASN A 46 -12.72 2.61 -2.12
CA ASN A 46 -13.02 2.65 -3.54
C ASN A 46 -14.35 3.34 -3.82
N GLU A 47 -14.31 4.24 -4.81
CA GLU A 47 -15.50 4.98 -5.23
C GLU A 47 -16.62 4.05 -5.65
N GLY A 48 -17.82 4.38 -5.21
CA GLY A 48 -18.96 3.55 -5.54
C GLY A 48 -19.23 2.56 -4.42
N VAL A 49 -18.19 2.22 -3.67
CA VAL A 49 -18.33 1.28 -2.57
C VAL A 49 -18.20 1.95 -1.21
N HIS A 50 -16.98 2.40 -0.90
CA HIS A 50 -16.72 3.02 0.39
C HIS A 50 -17.18 4.48 0.50
N PHE A 51 -17.35 5.12 -0.65
CA PHE A 51 -17.77 6.52 -0.70
C PHE A 51 -18.30 6.90 -2.08
N LEU A 52 -18.75 8.13 -2.22
CA LEU A 52 -19.26 8.66 -3.48
C LEU A 52 -18.47 9.91 -3.79
N ARG A 53 -18.26 10.17 -5.08
CA ARG A 53 -17.51 11.34 -5.49
C ARG A 53 -18.14 12.65 -5.02
N SER A 54 -19.40 12.57 -4.60
CA SER A 54 -20.14 13.75 -4.16
C SER A 54 -19.87 14.16 -2.72
N TYR A 55 -19.25 13.25 -1.96
CA TYR A 55 -18.91 13.54 -0.57
C TYR A 55 -17.74 14.50 -0.68
N ILE A 56 -17.60 15.41 0.27
CA ILE A 56 -16.49 16.35 0.25
C ILE A 56 -15.19 15.54 0.26
N PRO A 57 -14.24 15.88 -0.62
CA PRO A 57 -12.93 15.21 -0.74
C PRO A 57 -12.10 15.25 0.55
N GLU A 58 -12.19 16.36 1.26
CA GLU A 58 -11.44 16.56 2.50
C GLU A 58 -11.73 15.50 3.58
N ALA A 59 -12.99 15.08 3.68
CA ALA A 59 -13.37 14.09 4.66
C ALA A 59 -12.86 12.71 4.25
N VAL A 60 -12.92 12.40 2.96
CA VAL A 60 -12.43 11.12 2.46
C VAL A 60 -10.93 11.03 2.73
N GLY A 61 -10.25 12.17 2.60
CA GLY A 61 -8.82 12.22 2.85
C GLY A 61 -8.49 12.01 4.31
N TRP A 62 -9.29 12.57 5.21
CA TRP A 62 -9.07 12.40 6.64
C TRP A 62 -9.35 10.95 7.01
N LYS A 63 -10.37 10.38 6.39
CA LYS A 63 -10.77 9.00 6.64
C LYS A 63 -9.77 7.97 6.13
N ALA A 64 -9.05 8.30 5.06
CA ALA A 64 -8.07 7.41 4.49
C ALA A 64 -6.98 7.14 5.50
N ILE A 65 -6.65 8.16 6.29
CA ILE A 65 -5.64 8.04 7.32
C ILE A 65 -6.24 7.41 8.58
N SER A 66 -7.38 7.95 9.01
CA SER A 66 -8.07 7.45 10.20
C SER A 66 -8.35 5.96 10.22
N VAL A 67 -8.90 5.41 9.15
CA VAL A 67 -9.18 3.98 9.15
C VAL A 67 -7.94 3.18 9.48
N ASN A 68 -6.80 3.53 8.90
CA ASN A 68 -5.59 2.81 9.20
C ASN A 68 -5.04 3.07 10.60
N VAL A 69 -5.24 4.27 11.12
CA VAL A 69 -4.75 4.60 12.45
C VAL A 69 -5.52 3.86 13.55
N SER A 70 -6.79 3.56 13.28
CA SER A 70 -7.63 2.87 14.24
C SER A 70 -7.19 1.45 14.50
N ASP A 71 -6.57 0.86 13.49
CA ASP A 71 -6.07 -0.51 13.57
C ASP A 71 -4.78 -0.53 14.35
N VAL A 72 -3.93 0.46 14.08
CA VAL A 72 -2.65 0.62 14.76
C VAL A 72 -2.92 0.90 16.23
N ILE A 73 -3.90 1.77 16.46
CA ILE A 73 -4.28 2.17 17.80
C ILE A 73 -4.78 0.95 18.57
N ALA A 74 -5.66 0.19 17.92
CA ALA A 74 -6.24 -1.01 18.54
C ALA A 74 -5.23 -2.03 19.07
N ASN A 75 -4.04 -2.10 18.48
CA ASN A 75 -3.03 -3.05 18.92
C ASN A 75 -2.03 -2.44 19.92
N GLY A 76 -2.35 -1.25 20.39
CA GLY A 76 -1.51 -0.57 21.34
C GLY A 76 -0.33 0.15 20.72
N GLY A 77 -0.48 0.60 19.48
CA GLY A 77 0.61 1.28 18.81
C GLY A 77 0.36 2.72 18.40
N LEU A 78 1.44 3.41 18.06
CA LEU A 78 1.33 4.80 17.61
C LEU A 78 1.68 4.91 16.12
N PRO A 79 0.84 5.58 15.32
CA PRO A 79 1.09 5.75 13.87
C PRO A 79 2.32 6.59 13.57
N LYS A 80 3.20 6.05 12.73
CA LYS A 80 4.42 6.75 12.36
C LYS A 80 4.53 7.14 10.88
N TRP A 81 4.47 6.18 9.96
CA TRP A 81 4.62 6.49 8.54
C TRP A 81 3.50 6.06 7.64
N ALA A 82 3.21 6.87 6.64
CA ALA A 82 2.13 6.57 5.73
C ALA A 82 2.51 6.72 4.26
N LEU A 83 1.99 5.79 3.46
CA LEU A 83 2.16 5.76 2.02
C LEU A 83 0.75 5.74 1.41
N ILE A 84 0.47 6.69 0.53
CA ILE A 84 -0.84 6.76 -0.08
C ILE A 84 -0.80 6.64 -1.59
N SER A 85 -1.43 5.58 -2.09
CA SER A 85 -1.46 5.33 -3.51
C SER A 85 -2.85 5.64 -4.06
N LEU A 86 -2.90 6.50 -5.07
CA LEU A 86 -4.16 6.90 -5.66
C LEU A 86 -4.38 6.48 -7.11
N ASN A 87 -5.57 5.95 -7.37
CA ASN A 87 -6.03 5.54 -8.69
C ASN A 87 -7.05 6.60 -9.06
N LEU A 88 -6.66 7.56 -9.91
CA LEU A 88 -7.57 8.64 -10.28
C LEU A 88 -7.95 8.71 -11.76
N PRO A 89 -9.20 9.08 -12.08
CA PRO A 89 -9.59 9.19 -13.48
C PRO A 89 -8.97 10.49 -13.99
N GLU A 90 -8.38 10.47 -15.18
CA GLU A 90 -7.73 11.65 -15.73
C GLU A 90 -8.67 12.86 -15.80
N ASP A 91 -9.97 12.60 -15.75
CA ASP A 91 -10.97 13.67 -15.81
C ASP A 91 -11.43 14.16 -14.44
N LEU A 92 -10.77 13.69 -13.40
CA LEU A 92 -11.10 14.13 -12.06
C LEU A 92 -10.64 15.57 -11.89
N GLU A 93 -11.47 16.36 -11.22
CA GLU A 93 -11.16 17.76 -10.96
C GLU A 93 -9.88 17.81 -10.13
N VAL A 94 -9.00 18.75 -10.42
CA VAL A 94 -7.75 18.83 -9.67
C VAL A 94 -7.98 19.25 -8.23
N SER A 95 -9.04 20.01 -8.00
CA SER A 95 -9.40 20.52 -6.68
C SER A 95 -9.81 19.37 -5.76
N TYR A 96 -10.32 18.31 -6.37
CA TYR A 96 -10.76 17.15 -5.62
C TYR A 96 -9.56 16.52 -4.94
N VAL A 97 -8.48 16.37 -5.68
CA VAL A 97 -7.26 15.77 -5.15
C VAL A 97 -6.63 16.69 -4.11
N GLU A 98 -6.65 17.98 -4.38
CA GLU A 98 -6.09 18.96 -3.46
C GLU A 98 -6.85 19.02 -2.12
N ARG A 99 -8.18 18.95 -2.21
CA ARG A 99 -9.02 18.97 -1.04
C ARG A 99 -8.82 17.65 -0.32
N PHE A 100 -8.54 16.60 -1.09
CA PHE A 100 -8.30 15.28 -0.56
C PHE A 100 -7.07 15.28 0.36
N TYR A 101 -5.97 15.82 -0.14
CA TYR A 101 -4.74 15.85 0.61
C TYR A 101 -4.72 16.81 1.80
N ILE A 102 -5.61 17.79 1.76
CA ILE A 102 -5.78 18.78 2.83
C ILE A 102 -6.29 17.95 4.02
N GLY A 103 -7.33 17.15 3.77
CA GLY A 103 -7.88 16.29 4.80
C GLY A 103 -6.86 15.29 5.33
N VAL A 104 -5.95 14.86 4.46
CA VAL A 104 -4.91 13.91 4.83
C VAL A 104 -3.89 14.62 5.70
N LYS A 105 -3.52 15.84 5.33
CA LYS A 105 -2.54 16.62 6.08
C LYS A 105 -3.04 16.90 7.49
N ARG A 106 -4.34 17.18 7.59
CA ARG A 106 -5.00 17.46 8.85
C ARG A 106 -4.99 16.25 9.77
N ALA A 107 -5.25 15.08 9.19
CA ALA A 107 -5.26 13.85 9.96
C ALA A 107 -3.86 13.51 10.48
N CYS A 108 -2.85 13.74 9.65
CA CYS A 108 -1.48 13.44 10.05
C CYS A 108 -0.99 14.36 11.15
N GLU A 109 -1.41 15.62 11.08
CA GLU A 109 -1.03 16.59 12.10
C GLU A 109 -1.65 16.20 13.42
N PHE A 110 -2.90 15.76 13.36
CA PHE A 110 -3.62 15.35 14.54
C PHE A 110 -3.02 14.08 15.14
N TYR A 111 -3.01 13.01 14.37
CA TYR A 111 -2.47 11.73 14.84
C TYR A 111 -0.95 11.71 14.99
N LYS A 112 -0.28 12.72 14.44
CA LYS A 112 1.17 12.81 14.56
C LYS A 112 1.97 11.73 13.82
N CYS A 113 1.61 11.50 12.56
CA CYS A 113 2.26 10.54 11.70
C CYS A 113 2.39 11.29 10.39
N GLU A 114 2.99 10.68 9.37
CA GLU A 114 3.11 11.41 8.13
C GLU A 114 3.19 10.53 6.92
N VAL A 115 2.90 11.14 5.77
CA VAL A 115 2.95 10.45 4.50
C VAL A 115 4.36 10.69 4.00
N VAL A 116 5.07 9.61 3.71
CA VAL A 116 6.44 9.73 3.24
C VAL A 116 6.51 9.56 1.74
N GLY A 117 5.38 9.17 1.14
CA GLY A 117 5.32 8.99 -0.29
C GLY A 117 4.16 8.16 -0.79
N GLY A 118 4.16 7.91 -2.11
CA GLY A 118 3.13 7.12 -2.76
C GLY A 118 3.18 7.31 -4.28
N ASN A 119 2.33 6.59 -5.02
CA ASN A 119 2.34 6.75 -6.48
C ASN A 119 0.92 6.84 -7.07
N ILE A 120 0.77 7.63 -8.12
CA ILE A 120 -0.52 7.80 -8.75
C ILE A 120 -0.65 7.05 -10.07
N SER A 121 -1.88 6.62 -10.36
CA SER A 121 -2.18 5.86 -11.55
C SER A 121 -3.53 6.31 -12.13
N LYS A 122 -3.68 6.23 -13.46
CA LYS A 122 -4.92 6.63 -14.10
C LYS A 122 -5.91 5.49 -13.94
N SER A 123 -7.19 5.81 -13.82
CA SER A 123 -8.21 4.79 -13.64
C SER A 123 -9.64 5.26 -13.88
N GLU A 124 -10.54 4.31 -14.02
CA GLU A 124 -11.93 4.65 -14.26
C GLU A 124 -12.55 5.28 -13.02
N LYS A 125 -12.18 4.77 -11.85
CA LYS A 125 -12.72 5.30 -10.59
C LYS A 125 -11.66 5.60 -9.51
N ILE A 126 -11.98 6.52 -8.61
CA ILE A 126 -11.05 6.88 -7.56
C ILE A 126 -10.81 5.66 -6.68
N GLY A 127 -9.57 5.20 -6.65
CA GLY A 127 -9.21 4.06 -5.84
C GLY A 127 -8.22 4.58 -4.82
N ILE A 128 -8.52 4.43 -3.54
CA ILE A 128 -7.61 4.93 -2.54
C ILE A 128 -7.04 3.81 -1.70
N SER A 129 -5.73 3.64 -1.77
CA SER A 129 -5.04 2.60 -1.04
C SER A 129 -4.03 3.23 -0.10
N VAL A 130 -4.19 3.04 1.20
CA VAL A 130 -3.24 3.65 2.12
C VAL A 130 -2.47 2.60 2.91
N PHE A 131 -1.20 2.87 3.13
CA PHE A 131 -0.36 1.96 3.89
C PHE A 131 0.21 2.73 5.07
N LEU A 132 0.13 2.13 6.25
CA LEU A 132 0.63 2.80 7.44
C LEU A 132 1.52 1.92 8.29
N VAL A 133 2.55 2.54 8.84
CA VAL A 133 3.48 1.86 9.72
C VAL A 133 3.40 2.48 11.11
N GLY A 134 3.28 1.65 12.13
CA GLY A 134 3.22 2.12 13.50
C GLY A 134 4.29 1.45 14.35
N GLU A 135 4.30 1.72 15.65
CA GLU A 135 5.31 1.14 16.54
C GLU A 135 4.71 0.87 17.93
N THR A 136 5.21 -0.17 18.60
CA THR A 136 4.71 -0.52 19.93
C THR A 136 5.78 -1.11 20.83
N GLU A 137 5.55 -1.00 22.13
CA GLU A 137 6.46 -1.58 23.13
C GLU A 137 5.89 -2.96 23.37
N ARG A 138 4.56 -3.04 23.29
CA ARG A 138 3.85 -4.29 23.53
C ARG A 138 2.69 -4.52 22.58
N PHE A 139 2.66 -5.68 21.95
CA PHE A 139 1.60 -6.01 21.02
C PHE A 139 0.40 -6.65 21.71
N VAL A 140 -0.77 -6.04 21.51
CA VAL A 140 -2.00 -6.55 22.10
C VAL A 140 -2.85 -7.06 20.94
N GLY A 141 -3.20 -8.35 20.96
CA GLY A 141 -4.01 -8.94 19.91
C GLY A 141 -5.39 -9.41 20.31
N ARG A 142 -5.99 -10.28 19.50
CA ARG A 142 -7.34 -10.81 19.77
C ARG A 142 -7.37 -12.14 20.52
N ASP A 143 -6.24 -12.57 21.08
CA ASP A 143 -6.22 -13.85 21.78
C ASP A 143 -5.91 -13.75 23.27
N GLY A 144 -5.40 -12.60 23.69
CA GLY A 144 -5.04 -12.39 25.09
C GLY A 144 -6.17 -12.31 26.11
N ALA A 145 -7.42 -12.48 25.68
CA ALA A 145 -8.55 -12.43 26.60
C ALA A 145 -8.20 -13.32 27.80
N ARG A 146 -8.78 -13.05 28.96
CA ARG A 146 -8.50 -13.86 30.15
C ARG A 146 -9.76 -14.09 30.98
N LEU A 147 -9.97 -15.35 31.37
CA LEU A 147 -11.11 -15.72 32.19
C LEU A 147 -11.07 -14.74 33.36
N GLY A 148 -12.21 -14.07 33.60
CA GLY A 148 -12.28 -13.08 34.66
C GLY A 148 -12.23 -11.65 34.13
N ASP A 149 -11.91 -11.51 32.84
CA ASP A 149 -11.84 -10.19 32.20
C ASP A 149 -13.23 -9.66 31.85
N SER A 150 -13.44 -8.37 32.10
CA SER A 150 -14.70 -7.74 31.72
C SER A 150 -14.48 -7.35 30.27
N VAL A 151 -15.56 -7.15 29.52
CA VAL A 151 -15.42 -6.76 28.12
C VAL A 151 -15.82 -5.29 27.92
N PHE A 152 -14.89 -4.47 27.44
CA PHE A 152 -15.16 -3.05 27.21
C PHE A 152 -15.17 -2.63 25.74
N VAL A 153 -15.79 -1.48 25.50
CA VAL A 153 -15.85 -0.84 24.18
C VAL A 153 -15.70 0.64 24.45
N SER A 154 -15.28 1.39 23.44
CA SER A 154 -15.14 2.83 23.59
C SER A 154 -16.31 3.46 22.88
N GLY A 155 -16.54 4.75 23.11
CA GLY A 155 -17.65 5.44 22.47
C GLY A 155 -18.97 4.71 22.46
N THR A 156 -19.76 4.96 21.43
CA THR A 156 -21.07 4.32 21.27
C THR A 156 -21.07 3.46 20.00
N LEU A 157 -22.11 2.66 19.82
CA LEU A 157 -22.15 1.79 18.65
C LEU A 157 -23.38 2.00 17.77
N GLY A 158 -23.17 1.83 16.46
CA GLY A 158 -24.24 1.96 15.49
C GLY A 158 -24.33 3.26 14.74
N ASP A 159 -23.59 4.28 15.18
CA ASP A 159 -23.62 5.58 14.53
C ASP A 159 -23.21 5.54 13.06
N SER A 160 -22.07 4.94 12.76
CA SER A 160 -21.59 4.85 11.39
C SER A 160 -22.65 4.25 10.45
N ARG A 161 -23.41 3.26 10.93
CA ARG A 161 -24.43 2.61 10.12
C ARG A 161 -25.60 3.53 9.79
N ALA A 162 -26.11 4.23 10.79
CA ALA A 162 -27.21 5.14 10.59
C ALA A 162 -26.75 6.24 9.62
N GLY A 163 -25.51 6.70 9.80
CA GLY A 163 -24.94 7.72 8.95
C GLY A 163 -24.86 7.32 7.49
N LEU A 164 -24.44 6.10 7.21
CA LEU A 164 -24.35 5.65 5.84
C LEU A 164 -25.74 5.56 5.25
N GLU A 165 -26.72 5.29 6.11
CA GLU A 165 -28.09 5.18 5.60
C GLU A 165 -28.67 6.54 5.32
N LEU A 166 -28.26 7.54 6.10
CA LEU A 166 -28.70 8.92 5.91
C LEU A 166 -28.14 9.41 4.57
N LEU A 167 -26.86 9.12 4.34
CA LEU A 167 -26.21 9.51 3.08
C LEU A 167 -26.85 8.81 1.90
N LEU A 168 -27.21 7.54 2.07
CA LEU A 168 -27.83 6.80 0.98
C LEU A 168 -29.21 7.36 0.65
N MSE A 169 -29.75 8.20 1.52
CA MSE A 169 -31.06 8.77 1.24
C MSE A 169 -30.86 10.00 0.37
O MSE A 169 -31.80 10.51 -0.25
CB MSE A 169 -31.78 9.16 2.54
CG MSE A 169 -31.83 8.07 3.60
SE MSE A 169 -32.88 8.62 5.13
CE MSE A 169 -31.88 10.18 5.74
N GLU A 170 -29.62 10.47 0.32
CA GLU A 170 -29.25 11.63 -0.46
C GLU A 170 -30.20 12.81 -0.26
N LYS A 171 -30.41 13.16 1.01
CA LYS A 171 -31.25 14.29 1.33
C LYS A 171 -30.43 15.54 1.02
N GLU A 172 -31.13 16.65 0.78
CA GLU A 172 -30.48 17.92 0.47
C GLU A 172 -29.73 18.40 1.73
N GLU A 173 -30.42 18.35 2.85
CA GLU A 173 -29.88 18.77 4.14
C GLU A 173 -30.41 17.82 5.22
N TYR A 174 -29.78 17.82 6.39
CA TYR A 174 -30.23 16.94 7.48
C TYR A 174 -30.24 17.67 8.81
N GLU A 175 -31.08 17.20 9.73
CA GLU A 175 -31.17 17.79 11.06
C GLU A 175 -29.77 17.59 11.66
N PRO A 176 -29.46 18.37 12.68
CA PRO A 176 -28.12 18.26 13.29
C PRO A 176 -27.83 16.85 13.81
N PHE A 177 -28.80 16.28 14.53
CA PHE A 177 -28.59 14.96 15.08
C PHE A 177 -28.14 14.00 13.98
N GLU A 178 -28.70 14.15 12.78
CA GLU A 178 -28.34 13.31 11.64
C GLU A 178 -26.97 13.67 11.12
N LEU A 179 -26.64 14.96 11.16
CA LEU A 179 -25.33 15.39 10.69
C LEU A 179 -24.24 14.79 11.55
N ALA A 180 -24.49 14.71 12.85
CA ALA A 180 -23.53 14.13 13.78
C ALA A 180 -23.35 12.67 13.41
N LEU A 181 -24.41 12.04 12.95
CA LEU A 181 -24.39 10.64 12.55
C LEU A 181 -23.58 10.48 11.28
N ILE A 182 -23.86 11.34 10.31
CA ILE A 182 -23.18 11.33 9.01
C ILE A 182 -21.67 11.54 9.18
N GLN A 183 -21.31 12.51 10.01
CA GLN A 183 -19.91 12.82 10.25
C GLN A 183 -19.18 11.67 10.93
N ARG A 184 -19.89 10.93 11.78
CA ARG A 184 -19.30 9.81 12.48
C ARG A 184 -18.88 8.72 11.50
N HIS A 185 -19.59 8.66 10.38
CA HIS A 185 -19.29 7.66 9.37
C HIS A 185 -18.28 8.19 8.35
N LEU A 186 -18.41 9.46 7.98
CA LEU A 186 -17.53 10.06 6.97
C LEU A 186 -16.20 10.63 7.50
N ARG A 187 -16.24 11.27 8.66
CA ARG A 187 -15.05 11.85 9.27
C ARG A 187 -14.84 11.29 10.66
N PRO A 188 -14.61 9.97 10.77
CA PRO A 188 -14.39 9.37 12.09
C PRO A 188 -13.04 9.74 12.69
N THR A 189 -12.97 9.72 14.01
CA THR A 189 -11.74 10.04 14.72
C THR A 189 -11.27 8.78 15.43
N ALA A 190 -10.06 8.35 15.12
CA ALA A 190 -9.49 7.15 15.72
C ALA A 190 -9.29 7.43 17.19
N ARG A 191 -9.49 6.40 18.00
CA ARG A 191 -9.36 6.48 19.44
C ARG A 191 -7.92 6.48 19.90
N ILE A 192 -7.15 7.43 19.37
CA ILE A 192 -5.74 7.51 19.70
C ILE A 192 -5.55 7.93 21.14
N ASP A 193 -6.67 8.28 21.77
CA ASP A 193 -6.71 8.71 23.18
C ASP A 193 -6.77 7.50 24.14
N TYR A 194 -6.84 6.31 23.57
CA TYR A 194 -6.91 5.07 24.32
C TYR A 194 -5.59 4.30 24.29
N VAL A 195 -4.66 4.78 23.47
CA VAL A 195 -3.38 4.10 23.32
C VAL A 195 -2.76 3.69 24.63
N LYS A 196 -2.40 4.67 25.48
CA LYS A 196 -1.79 4.36 26.78
C LYS A 196 -2.54 3.29 27.56
N HIS A 197 -3.86 3.43 27.61
CA HIS A 197 -4.66 2.46 28.34
C HIS A 197 -4.60 1.10 27.69
N ILE A 198 -4.61 1.06 26.37
CA ILE A 198 -4.55 -0.22 25.68
C ILE A 198 -3.18 -0.85 25.81
N GLN A 199 -2.16 -0.03 25.56
CA GLN A 199 -0.76 -0.46 25.62
C GLN A 199 -0.34 -0.58 27.06
N LYS A 200 -1.23 -1.07 27.91
CA LYS A 200 -0.91 -1.20 29.33
C LYS A 200 -1.81 -2.14 30.12
N TYR A 201 -3.10 -2.08 29.85
CA TYR A 201 -4.08 -2.86 30.58
C TYR A 201 -4.88 -3.83 29.75
N ALA A 202 -4.80 -3.69 28.44
CA ALA A 202 -5.55 -4.57 27.56
C ALA A 202 -4.90 -5.95 27.49
N ASN A 203 -5.68 -6.99 27.69
CA ASN A 203 -5.17 -8.36 27.59
C ASN A 203 -5.57 -8.82 26.20
N ALA A 204 -6.68 -8.25 25.72
CA ALA A 204 -7.19 -8.53 24.38
C ALA A 204 -7.84 -7.24 23.85
N SER A 205 -7.31 -6.71 22.74
CA SER A 205 -7.88 -5.49 22.15
C SER A 205 -8.21 -5.75 20.69
N MSE A 206 -8.90 -4.81 20.06
CA MSE A 206 -9.31 -4.95 18.66
C MSE A 206 -10.20 -3.82 18.22
O MSE A 206 -10.90 -3.20 19.04
CB MSE A 206 -10.06 -6.26 18.51
CG MSE A 206 -10.87 -6.37 17.26
SE MSE A 206 -11.79 -8.07 17.27
CE MSE A 206 -12.76 -7.83 18.92
N ASP A 207 -10.21 -3.57 16.92
CA ASP A 207 -11.06 -2.53 16.35
C ASP A 207 -12.34 -3.11 15.76
N ILE A 208 -13.48 -2.61 16.23
CA ILE A 208 -14.78 -3.05 15.76
C ILE A 208 -14.90 -2.57 14.31
N SER A 209 -14.68 -3.49 13.37
CA SER A 209 -14.72 -3.16 11.96
C SER A 209 -15.78 -3.95 11.20
N ASP A 210 -16.30 -5.00 11.82
CA ASP A 210 -17.34 -5.79 11.17
C ASP A 210 -18.61 -5.79 12.03
N GLY A 211 -18.61 -5.01 13.10
CA GLY A 211 -19.76 -4.98 13.99
C GLY A 211 -19.43 -5.73 15.27
N LEU A 212 -19.97 -5.26 16.38
CA LEU A 212 -19.72 -5.87 17.68
C LEU A 212 -19.75 -7.38 17.75
N VAL A 213 -20.93 -7.95 17.51
CA VAL A 213 -21.10 -9.40 17.56
C VAL A 213 -20.15 -10.13 16.64
N ALA A 214 -19.95 -9.62 15.43
CA ALA A 214 -19.04 -10.29 14.52
C ALA A 214 -17.65 -10.36 15.15
N ASP A 215 -17.09 -9.23 15.55
CA ASP A 215 -15.75 -9.21 16.13
C ASP A 215 -15.61 -9.76 17.56
N ALA A 216 -16.73 -9.96 18.25
CA ALA A 216 -16.69 -10.53 19.60
C ALA A 216 -16.42 -12.01 19.39
N ASN A 217 -16.84 -12.51 18.24
CA ASN A 217 -16.62 -13.91 17.88
C ASN A 217 -15.13 -14.07 17.67
N HIS A 218 -14.62 -13.33 16.69
CA HIS A 218 -13.20 -13.37 16.38
C HIS A 218 -12.42 -13.28 17.67
N LEU A 219 -13.00 -12.60 18.64
CA LEU A 219 -12.37 -12.43 19.93
C LEU A 219 -12.48 -13.76 20.69
N ALA A 220 -13.71 -14.27 20.82
CA ALA A 220 -13.97 -15.53 21.52
C ALA A 220 -13.23 -16.70 20.87
N GLN A 221 -13.44 -16.87 19.57
CA GLN A 221 -12.78 -17.95 18.85
C GLN A 221 -11.26 -17.87 18.94
N ARG A 222 -10.70 -16.69 18.76
CA ARG A 222 -9.26 -16.55 18.76
C ARG A 222 -8.54 -16.57 20.12
N SER A 223 -9.30 -16.63 21.21
CA SER A 223 -8.71 -16.69 22.55
C SER A 223 -9.09 -18.02 23.22
N GLY A 224 -9.98 -18.76 22.58
CA GLY A 224 -10.39 -20.04 23.10
C GLY A 224 -11.50 -19.84 24.10
N VAL A 225 -11.63 -18.60 24.52
CA VAL A 225 -12.64 -18.24 25.51
C VAL A 225 -14.07 -18.06 24.99
N LYS A 226 -14.96 -17.70 25.90
CA LYS A 226 -16.37 -17.48 25.60
C LYS A 226 -16.81 -16.14 26.22
N ILE A 227 -17.56 -15.34 25.46
CA ILE A 227 -17.99 -14.02 25.95
C ILE A 227 -19.50 -13.87 26.12
N GLU A 228 -19.88 -13.14 27.15
CA GLU A 228 -21.29 -12.89 27.46
C GLU A 228 -21.57 -11.39 27.56
N ILE A 229 -22.35 -10.91 26.59
CA ILE A 229 -22.72 -9.50 26.47
C ILE A 229 -24.17 -9.22 26.90
N LEU A 230 -24.37 -8.11 27.60
CA LEU A 230 -25.70 -7.70 28.03
C LEU A 230 -26.07 -6.51 27.14
N SER A 231 -27.18 -6.64 26.43
CA SER A 231 -27.63 -5.61 25.51
C SER A 231 -27.94 -4.26 26.12
N GLU A 232 -28.48 -4.23 27.33
CA GLU A 232 -28.80 -2.94 27.95
C GLU A 232 -27.60 -2.28 28.61
N LYS A 233 -26.41 -2.73 28.19
CA LYS A 233 -25.15 -2.17 28.69
C LYS A 233 -24.46 -1.49 27.51
N LEU A 234 -24.86 -1.86 26.30
CA LEU A 234 -24.32 -1.29 25.07
C LEU A 234 -24.54 0.21 25.03
N PRO A 235 -23.44 0.98 24.87
CA PRO A 235 -23.50 2.44 24.82
C PRO A 235 -24.20 2.95 23.58
N LEU A 236 -25.32 3.62 23.80
CA LEU A 236 -26.10 4.17 22.71
C LEU A 236 -26.09 5.69 22.76
N SER A 237 -25.75 6.30 21.63
CA SER A 237 -25.70 7.75 21.52
C SER A 237 -27.13 8.23 21.29
N ASN A 238 -27.38 9.46 21.70
CA ASN A 238 -28.69 10.09 21.57
C ASN A 238 -29.18 10.28 20.14
N GLU A 239 -28.30 10.66 19.23
CA GLU A 239 -28.74 10.83 17.86
C GLU A 239 -29.06 9.48 17.20
N LEU A 240 -28.49 8.39 17.72
CA LEU A 240 -28.81 7.09 17.14
C LEU A 240 -30.24 6.77 17.55
N LYS A 241 -30.56 7.02 18.82
CA LYS A 241 -31.89 6.79 19.35
C LYS A 241 -32.88 7.59 18.51
N MSE A 242 -32.58 8.88 18.38
CA MSE A 242 -33.42 9.77 17.60
C MSE A 242 -33.60 9.25 16.18
O MSE A 242 -34.72 9.18 15.68
CB MSE A 242 -32.77 11.15 17.60
CG MSE A 242 -32.54 11.64 19.00
SE MSE A 242 -31.91 13.45 19.08
CE MSE A 242 -30.15 13.16 19.82
N TYR A 243 -32.50 8.87 15.55
CA TYR A 243 -32.53 8.33 14.20
C TYR A 243 -33.51 7.16 14.15
N CYS A 244 -33.31 6.23 15.08
CA CYS A 244 -34.12 5.04 15.18
C CYS A 244 -35.60 5.36 15.39
N GLU A 245 -35.91 6.12 16.44
CA GLU A 245 -37.29 6.49 16.69
C GLU A 245 -37.91 7.13 15.44
N LYS A 246 -37.10 7.93 14.74
CA LYS A 246 -37.56 8.61 13.55
C LYS A 246 -37.78 7.74 12.33
N TYR A 247 -36.91 6.77 12.14
CA TYR A 247 -37.02 5.88 10.99
C TYR A 247 -37.49 4.48 11.40
N GLY A 248 -38.08 4.41 12.60
CA GLY A 248 -38.61 3.16 13.13
C GLY A 248 -37.71 1.95 13.04
N LYS A 249 -36.68 1.93 13.90
CA LYS A 249 -35.74 0.82 13.90
C LYS A 249 -35.26 0.56 15.32
N ASN A 250 -34.60 -0.58 15.52
CA ASN A 250 -34.13 -0.90 16.85
C ASN A 250 -32.67 -0.54 17.06
N PRO A 251 -32.41 0.45 17.93
CA PRO A 251 -31.05 0.89 18.23
C PRO A 251 -30.11 -0.26 18.54
N ILE A 252 -30.62 -1.28 19.21
CA ILE A 252 -29.81 -2.45 19.59
C ILE A 252 -29.29 -3.21 18.36
N GLU A 253 -30.17 -3.44 17.41
CA GLU A 253 -29.80 -4.13 16.20
C GLU A 253 -28.63 -3.38 15.54
N TYR A 254 -28.61 -2.06 15.73
CA TYR A 254 -27.56 -1.22 15.17
C TYR A 254 -26.27 -1.33 15.96
N ALA A 255 -26.41 -1.47 17.28
CA ALA A 255 -25.25 -1.59 18.16
C ALA A 255 -24.62 -2.98 18.02
N LEU A 256 -25.44 -4.01 17.79
CA LEU A 256 -24.91 -5.36 17.65
C LEU A 256 -24.37 -5.61 16.24
N PHE A 257 -25.01 -4.97 15.25
CA PHE A 257 -24.60 -5.14 13.86
C PHE A 257 -24.36 -3.83 13.14
N GLY A 258 -23.57 -2.94 13.75
CA GLY A 258 -23.31 -1.65 13.12
C GLY A 258 -22.13 -1.66 12.19
N GLY A 259 -21.58 -2.84 11.95
CA GLY A 259 -20.43 -2.95 11.07
C GLY A 259 -19.26 -2.16 11.61
N GLU A 260 -18.60 -1.42 10.71
CA GLU A 260 -17.46 -0.62 11.12
C GLU A 260 -17.92 0.62 11.87
N ASP A 261 -17.37 0.79 13.07
CA ASP A 261 -17.69 1.93 13.92
C ASP A 261 -16.43 2.62 14.40
N TYR A 262 -15.28 2.08 14.05
CA TYR A 262 -14.00 2.65 14.42
C TYR A 262 -13.81 2.82 15.94
N GLN A 263 -14.44 1.93 16.72
CA GLN A 263 -14.30 1.96 18.17
C GLN A 263 -13.44 0.78 18.60
N LEU A 264 -13.17 0.68 19.88
CA LEU A 264 -12.34 -0.41 20.37
C LEU A 264 -13.11 -1.45 21.16
N LEU A 265 -12.74 -2.71 20.95
CA LEU A 265 -13.33 -3.81 21.70
C LEU A 265 -12.13 -4.45 22.39
N PHE A 266 -12.02 -4.25 23.70
CA PHE A 266 -10.88 -4.77 24.48
C PHE A 266 -11.29 -5.40 25.79
N THR A 267 -10.41 -6.22 26.37
CA THR A 267 -10.72 -6.87 27.62
C THR A 267 -9.62 -6.79 28.68
N HIS A 268 -10.07 -6.76 29.94
CA HIS A 268 -9.22 -6.73 31.11
C HIS A 268 -10.07 -6.68 32.38
N PRO A 269 -9.45 -6.96 33.54
CA PRO A 269 -10.18 -6.94 34.82
C PRO A 269 -10.88 -5.59 35.10
N LYS A 270 -12.13 -5.67 35.56
CA LYS A 270 -12.93 -4.49 35.84
C LYS A 270 -12.26 -3.52 36.77
N GLU A 271 -11.47 -4.09 37.67
CA GLU A 271 -10.74 -3.31 38.66
C GLU A 271 -9.65 -2.44 38.01
N ARG A 272 -9.94 -1.83 36.87
CA ARG A 272 -8.95 -1.02 36.15
C ARG A 272 -9.47 -0.01 35.13
N TRP A 273 -10.59 0.62 35.42
CA TRP A 273 -11.15 1.61 34.52
C TRP A 273 -10.43 2.95 34.68
N ASN A 274 -10.38 3.71 33.59
CA ASN A 274 -9.72 5.01 33.57
C ASN A 274 -10.72 6.09 33.94
N PRO A 275 -10.27 7.12 34.67
CA PRO A 275 -11.09 8.25 35.13
C PRO A 275 -11.40 9.30 34.06
N PHE A 276 -10.81 9.16 32.88
CA PHE A 276 -11.00 10.12 31.80
C PHE A 276 -11.51 9.56 30.46
N LEU A 277 -11.61 8.24 30.34
CA LEU A 277 -12.08 7.61 29.10
C LEU A 277 -13.48 7.05 29.17
N ASP A 278 -14.28 7.37 28.15
CA ASP A 278 -15.68 6.94 28.00
C ASP A 278 -15.91 5.44 27.83
N MSE A 279 -15.02 4.70 28.46
CA MSE A 279 -15.02 3.24 28.48
C MSE A 279 -16.35 2.71 29.01
O MSE A 279 -16.87 3.22 30.01
CB MSE A 279 -13.90 2.83 29.43
CG MSE A 279 -13.35 1.48 29.28
SE MSE A 279 -11.91 1.38 30.60
CE MSE A 279 -10.91 3.02 30.21
N THR A 280 -16.93 1.72 28.35
CA THR A 280 -18.20 1.14 28.79
C THR A 280 -18.10 -0.38 28.85
N GLU A 281 -18.35 -0.94 30.02
CA GLU A 281 -18.30 -2.38 30.24
C GLU A 281 -19.61 -2.97 29.72
N ILE A 282 -19.51 -3.96 28.84
CA ILE A 282 -20.68 -4.57 28.25
C ILE A 282 -20.87 -6.07 28.52
N GLY A 283 -19.84 -6.73 29.04
CA GLY A 283 -19.95 -8.15 29.31
C GLY A 283 -18.83 -8.73 30.15
N ARG A 284 -18.69 -10.06 30.13
CA ARG A 284 -17.63 -10.73 30.90
C ARG A 284 -17.01 -11.82 30.04
N VAL A 285 -15.90 -12.39 30.52
CA VAL A 285 -15.24 -13.47 29.80
C VAL A 285 -15.27 -14.71 30.73
N GLU A 286 -15.84 -15.81 30.26
CA GLU A 286 -15.95 -17.04 31.05
C GLU A 286 -15.66 -18.33 30.26
N GLU A 287 -16.37 -19.42 30.63
CA GLU A 287 -16.31 -20.76 30.02
C GLU A 287 -15.41 -20.96 28.80
N GLY A 288 -16.04 -21.23 27.65
CA GLY A 288 -15.30 -21.44 26.42
C GLY A 288 -16.20 -21.59 25.21
N GLY A 290 -17.06 -18.89 22.30
CA GLY A 290 -18.37 -18.49 21.81
C GLY A 290 -18.83 -17.11 22.29
N VAL A 291 -19.96 -16.63 21.76
CA VAL A 291 -20.49 -15.33 22.16
C VAL A 291 -21.99 -15.34 22.39
N PHE A 292 -22.41 -14.69 23.46
CA PHE A 292 -23.82 -14.63 23.84
C PHE A 292 -24.31 -13.23 24.14
N VAL A 293 -25.58 -12.98 23.83
CA VAL A 293 -26.17 -11.68 24.07
C VAL A 293 -27.44 -11.93 24.85
N ASP A 294 -27.52 -11.32 26.04
CA ASP A 294 -28.67 -11.47 26.91
C ASP A 294 -29.07 -12.93 27.13
N GLY A 295 -28.09 -13.83 27.05
CA GLY A 295 -28.36 -15.24 27.27
C GLY A 295 -28.65 -16.06 26.01
N LYS A 296 -28.67 -15.40 24.86
CA LYS A 296 -28.96 -16.08 23.60
C LYS A 296 -27.67 -16.11 22.79
N LYS A 297 -27.34 -17.24 22.19
CA LYS A 297 -26.10 -17.30 21.39
C LYS A 297 -26.33 -16.31 20.26
N VAL A 298 -25.26 -15.84 19.63
CA VAL A 298 -25.48 -14.91 18.55
C VAL A 298 -24.40 -15.06 17.49
N GLU A 299 -24.79 -15.14 16.22
CA GLU A 299 -23.82 -15.27 15.13
C GLU A 299 -24.09 -14.26 14.01
N PRO A 300 -23.03 -13.71 13.38
CA PRO A 300 -23.17 -12.72 12.29
C PRO A 300 -24.20 -13.01 11.20
N MSE B 1 -7.50 22.54 -14.73
CA MSE B 1 -8.63 22.07 -13.87
C MSE B 1 -8.76 20.56 -13.72
O MSE B 1 -9.06 20.09 -12.63
CB MSE B 1 -9.94 22.63 -14.39
CG MSE B 1 -11.13 21.86 -13.92
SE MSE B 1 -12.44 23.11 -13.23
CE MSE B 1 -13.97 21.91 -13.53
N ARG B 2 -8.58 19.79 -14.79
CA ARG B 2 -8.66 18.33 -14.68
C ARG B 2 -7.26 17.80 -14.65
N LEU B 3 -7.09 16.65 -13.98
CA LEU B 3 -5.78 16.02 -13.84
C LEU B 3 -5.07 15.96 -15.19
N LYS B 4 -5.80 15.58 -16.23
CA LYS B 4 -5.23 15.47 -17.57
C LYS B 4 -4.71 16.81 -18.10
N GLU B 5 -5.42 17.90 -17.84
CA GLU B 5 -5.00 19.22 -18.30
C GLU B 5 -3.80 19.72 -17.50
N LEU B 6 -3.44 18.99 -16.44
CA LEU B 6 -2.35 19.42 -15.58
C LEU B 6 -0.95 18.99 -15.99
N GLY B 7 -0.85 17.87 -16.68
CA GLY B 7 0.44 17.34 -17.13
C GLY B 7 1.12 16.48 -16.07
N GLU B 8 2.28 15.95 -16.43
CA GLU B 8 3.08 15.10 -15.55
C GLU B 8 3.49 15.78 -14.27
N PHE B 9 4.58 16.56 -14.36
CA PHE B 9 5.13 17.30 -13.22
C PHE B 9 4.09 17.98 -12.34
N GLY B 10 3.14 18.66 -12.98
CA GLY B 10 2.11 19.39 -12.26
C GLY B 10 1.41 18.73 -11.08
N LEU B 11 0.95 17.48 -11.23
CA LEU B 11 0.23 16.82 -10.14
C LEU B 11 1.01 16.56 -8.87
N ILE B 12 2.21 16.01 -9.03
CA ILE B 12 3.04 15.70 -7.88
C ILE B 12 3.54 16.96 -7.19
N ASP B 13 3.76 18.00 -7.98
CA ASP B 13 4.24 19.26 -7.43
C ASP B 13 3.19 19.87 -6.48
N LEU B 14 1.92 19.50 -6.69
CA LEU B 14 0.82 20.01 -5.87
C LEU B 14 0.65 19.25 -4.57
N ILE B 15 0.76 17.93 -4.68
CA ILE B 15 0.63 17.08 -3.53
C ILE B 15 1.75 17.41 -2.58
N LYS B 16 2.99 17.25 -3.04
CA LYS B 16 4.13 17.56 -2.18
C LYS B 16 3.87 18.93 -1.57
N LYS B 17 3.53 19.90 -2.42
CA LYS B 17 3.23 21.24 -1.96
C LYS B 17 2.20 21.21 -0.82
N THR B 18 1.01 20.69 -1.13
CA THR B 18 -0.12 20.61 -0.17
C THR B 18 0.32 20.06 1.20
N LEU B 19 1.12 19.01 1.19
CA LEU B 19 1.59 18.45 2.43
C LEU B 19 2.86 19.17 2.91
N GLU B 20 3.60 19.72 1.93
CA GLU B 20 4.89 20.41 2.10
C GLU B 20 5.83 19.27 2.56
N SER B 21 6.05 18.30 1.66
CA SER B 21 6.88 17.09 1.92
C SER B 21 7.94 16.80 0.84
N LYS B 22 9.22 17.00 1.18
CA LYS B 22 10.33 16.76 0.23
C LYS B 22 10.63 15.29 -0.04
N VAL B 23 9.98 14.41 0.71
CA VAL B 23 10.20 12.97 0.56
C VAL B 23 9.28 12.23 -0.43
N ILE B 24 8.20 12.87 -0.85
CA ILE B 24 7.27 12.22 -1.76
C ILE B 24 7.95 12.03 -3.11
N ASP B 26 13.09 5.94 -5.28
CA ASP B 26 12.35 4.68 -5.37
C ASP B 26 11.64 4.41 -4.05
N ASP B 27 12.38 4.59 -2.95
CA ASP B 27 11.84 4.38 -1.61
C ASP B 27 11.88 5.70 -0.89
N THR B 28 11.40 5.70 0.35
CA THR B 28 11.45 6.88 1.20
C THR B 28 12.26 6.34 2.35
N ALA B 29 13.29 7.09 2.75
CA ALA B 29 14.13 6.64 3.82
C ALA B 29 13.70 7.11 5.23
N PRO B 30 13.26 6.17 6.11
CA PRO B 30 12.84 6.42 7.50
C PRO B 30 13.81 5.74 8.49
N VAL B 31 14.03 6.36 9.64
CA VAL B 31 14.94 5.86 10.67
C VAL B 31 14.36 4.89 11.71
N GLU B 32 15.22 4.06 12.31
CA GLU B 32 14.79 3.10 13.33
C GLU B 32 15.91 2.76 14.29
N LYS B 37 18.28 1.88 8.86
CA LYS B 37 17.14 2.50 8.20
C LYS B 37 16.12 1.51 7.61
N LEU B 38 14.96 2.03 7.25
CA LEU B 38 13.90 1.25 6.65
C LEU B 38 13.56 1.89 5.34
N LEU B 39 13.24 1.09 4.35
CA LEU B 39 12.89 1.65 3.06
C LEU B 39 11.44 1.27 2.78
N LEU B 40 10.61 2.30 2.63
CA LEU B 40 9.21 2.09 2.36
C LEU B 40 8.96 2.34 0.88
N THR B 41 8.29 1.39 0.25
CA THR B 41 7.96 1.48 -1.16
C THR B 41 6.57 0.94 -1.49
N THR B 42 6.00 1.46 -2.58
CA THR B 42 4.70 1.03 -3.08
C THR B 42 4.72 1.09 -4.61
N ASP B 43 3.99 0.16 -5.25
CA ASP B 43 3.89 0.13 -6.70
C ASP B 43 2.49 -0.40 -7.03
N VAL B 44 2.05 -0.16 -8.27
CA VAL B 44 0.73 -0.62 -8.66
C VAL B 44 0.70 -1.21 -10.06
N LEU B 45 -0.11 -2.26 -10.22
CA LEU B 45 -0.30 -2.92 -11.50
C LEU B 45 -1.81 -2.92 -11.73
N ASN B 46 -2.25 -2.22 -12.75
CA ASN B 46 -3.67 -2.17 -13.04
C ASN B 46 -3.96 -2.77 -14.37
N GLU B 47 -4.96 -3.64 -14.37
CA GLU B 47 -5.42 -4.31 -15.56
C GLU B 47 -5.73 -3.26 -16.63
N GLY B 48 -5.39 -3.58 -17.86
CA GLY B 48 -5.63 -2.67 -18.94
C GLY B 48 -4.44 -1.80 -19.26
N VAL B 49 -3.71 -1.41 -18.22
CA VAL B 49 -2.55 -0.56 -18.37
C VAL B 49 -1.24 -1.34 -18.26
N HIS B 50 -0.97 -1.89 -17.07
CA HIS B 50 0.27 -2.62 -16.83
C HIS B 50 0.32 -4.06 -17.34
N PHE B 51 -0.85 -4.68 -17.48
CA PHE B 51 -0.94 -6.05 -17.93
C PHE B 51 -2.35 -6.34 -18.42
N LEU B 52 -2.53 -7.52 -19.04
CA LEU B 52 -3.82 -7.94 -19.54
C LEU B 52 -4.23 -9.18 -18.80
N ARG B 53 -5.55 -9.41 -18.69
CA ARG B 53 -6.04 -10.58 -17.98
C ARG B 53 -5.65 -11.87 -18.69
N SER B 54 -5.09 -11.75 -19.89
CA SER B 54 -4.70 -12.94 -20.65
C SER B 54 -3.29 -13.37 -20.29
N TYR B 55 -2.50 -12.45 -19.75
CA TYR B 55 -1.13 -12.78 -19.36
C TYR B 55 -1.27 -13.76 -18.21
N ILE B 56 -0.41 -14.77 -18.18
CA ILE B 56 -0.43 -15.75 -17.11
C ILE B 56 -0.37 -15.03 -15.76
N PRO B 57 -1.33 -15.33 -14.88
CA PRO B 57 -1.42 -14.73 -13.54
C PRO B 57 -0.13 -14.87 -12.70
N GLU B 58 0.52 -16.02 -12.82
CA GLU B 58 1.75 -16.32 -12.10
C GLU B 58 2.88 -15.33 -12.32
N ALA B 59 3.00 -14.84 -13.55
CA ALA B 59 4.03 -13.88 -13.89
C ALA B 59 3.65 -12.52 -13.31
N VAL B 60 2.35 -12.21 -13.29
CA VAL B 60 1.87 -10.94 -12.74
C VAL B 60 2.12 -10.93 -11.24
N GLY B 61 1.94 -12.10 -10.61
CA GLY B 61 2.18 -12.24 -9.19
C GLY B 61 3.64 -12.07 -8.86
N TRP B 62 4.51 -12.58 -9.74
CA TRP B 62 5.94 -12.46 -9.54
C TRP B 62 6.33 -10.99 -9.73
N LYS B 63 5.86 -10.39 -10.81
CA LYS B 63 6.17 -8.99 -11.07
C LYS B 63 5.74 -8.07 -9.92
N ALA B 64 4.57 -8.33 -9.33
CA ALA B 64 4.09 -7.49 -8.24
C ALA B 64 5.12 -7.35 -7.13
N ILE B 65 5.81 -8.44 -6.83
CA ILE B 65 6.85 -8.43 -5.81
C ILE B 65 8.18 -7.88 -6.36
N SER B 66 8.52 -8.28 -7.58
CA SER B 66 9.77 -7.83 -8.20
C SER B 66 9.91 -6.33 -8.42
N VAL B 67 8.83 -5.64 -8.79
CA VAL B 67 8.97 -4.22 -9.02
C VAL B 67 9.36 -3.52 -7.72
N ASN B 68 8.69 -3.86 -6.63
CA ASN B 68 9.01 -3.24 -5.36
C ASN B 68 10.40 -3.57 -4.87
N VAL B 69 10.85 -4.78 -5.14
CA VAL B 69 12.18 -5.22 -4.72
C VAL B 69 13.28 -4.45 -5.48
N SER B 70 13.02 -4.14 -6.74
CA SER B 70 13.97 -3.42 -7.57
C SER B 70 14.26 -2.00 -7.10
N ASP B 71 13.34 -1.43 -6.33
CA ASP B 71 13.48 -0.10 -5.80
C ASP B 71 14.27 -0.15 -4.49
N VAL B 72 13.93 -1.13 -3.67
CA VAL B 72 14.62 -1.34 -2.40
C VAL B 72 16.07 -1.67 -2.71
N ILE B 73 16.26 -2.51 -3.72
CA ILE B 73 17.59 -2.95 -4.13
C ILE B 73 18.45 -1.81 -4.63
N ALA B 74 17.86 -0.92 -5.42
CA ALA B 74 18.57 0.23 -5.98
C ALA B 74 19.06 1.21 -4.92
N ASN B 75 18.56 1.06 -3.70
CA ASN B 75 18.97 1.95 -2.62
C ASN B 75 19.89 1.25 -1.60
N GLY B 76 20.34 0.06 -1.96
CA GLY B 76 21.24 -0.69 -1.10
C GLY B 76 20.57 -1.38 0.06
N GLY B 77 19.29 -1.68 -0.10
CA GLY B 77 18.56 -2.33 0.97
C GLY B 77 18.07 -3.70 0.58
N LEU B 78 17.69 -4.49 1.58
CA LEU B 78 17.18 -5.82 1.34
C LEU B 78 15.68 -5.87 1.68
N PRO B 79 14.86 -6.52 0.82
CA PRO B 79 13.41 -6.66 1.00
C PRO B 79 13.06 -7.55 2.18
N LYS B 80 12.25 -7.04 3.10
CA LYS B 80 11.84 -7.80 4.29
C LYS B 80 10.36 -8.16 4.35
N TRP B 81 9.48 -7.17 4.39
CA TRP B 81 8.04 -7.44 4.50
C TRP B 81 7.18 -6.84 3.39
N ALA B 82 6.08 -7.50 3.08
CA ALA B 82 5.19 -7.03 2.04
C ALA B 82 3.71 -7.13 2.37
N LEU B 83 2.95 -6.12 1.95
CA LEU B 83 1.50 -6.05 2.12
C LEU B 83 0.89 -5.99 0.71
N ILE B 84 0.05 -6.97 0.39
CA ILE B 84 -0.57 -6.99 -0.93
C ILE B 84 -2.06 -6.77 -0.90
N SER B 85 -2.47 -5.68 -1.54
CA SER B 85 -3.86 -5.29 -1.60
C SER B 85 -4.42 -5.59 -3.00
N LEU B 86 -5.52 -6.34 -3.05
CA LEU B 86 -6.12 -6.69 -4.34
C LEU B 86 -7.53 -6.18 -4.57
N ASN B 87 -7.72 -5.57 -5.75
CA ASN B 87 -9.02 -5.07 -6.19
C ASN B 87 -9.42 -6.09 -7.24
N LEU B 88 -10.35 -6.98 -6.92
CA LEU B 88 -10.74 -8.02 -7.87
C LEU B 88 -12.21 -8.00 -8.28
N PRO B 89 -12.48 -8.26 -9.57
CA PRO B 89 -13.86 -8.27 -10.07
C PRO B 89 -14.50 -9.56 -9.49
N GLU B 90 -15.70 -9.45 -8.92
CA GLU B 90 -16.37 -10.60 -8.32
C GLU B 90 -16.48 -11.81 -9.26
N ASP B 91 -16.43 -11.57 -10.57
CA ASP B 91 -16.54 -12.67 -11.54
C ASP B 91 -15.19 -13.17 -12.03
N LEU B 92 -14.15 -12.95 -11.25
CA LEU B 92 -12.83 -13.40 -11.62
C LEU B 92 -12.67 -14.86 -11.25
N GLU B 93 -11.95 -15.62 -12.09
CA GLU B 93 -11.70 -17.04 -11.82
C GLU B 93 -10.85 -17.17 -10.56
N VAL B 94 -11.26 -18.07 -9.67
CA VAL B 94 -10.51 -18.25 -8.44
C VAL B 94 -9.09 -18.71 -8.75
N SER B 95 -8.95 -19.47 -9.83
CA SER B 95 -7.67 -20.00 -10.26
C SER B 95 -6.71 -18.88 -10.62
N TYR B 96 -7.27 -17.74 -11.01
CA TYR B 96 -6.46 -16.56 -11.35
C TYR B 96 -5.76 -16.07 -10.11
N VAL B 97 -6.52 -15.93 -9.05
CA VAL B 97 -6.00 -15.45 -7.78
C VAL B 97 -5.01 -16.46 -7.23
N GLU B 98 -5.35 -17.75 -7.30
CA GLU B 98 -4.46 -18.80 -6.80
C GLU B 98 -3.12 -18.81 -7.53
N ARG B 99 -3.16 -18.60 -8.85
CA ARG B 99 -1.95 -18.59 -9.64
C ARG B 99 -1.17 -17.31 -9.41
N PHE B 100 -1.89 -16.25 -9.09
CA PHE B 100 -1.27 -14.96 -8.81
C PHE B 100 -0.40 -15.11 -7.56
N TYR B 101 -0.98 -15.68 -6.52
CA TYR B 101 -0.26 -15.86 -5.26
C TYR B 101 0.85 -16.90 -5.28
N ILE B 102 0.81 -17.77 -6.30
CA ILE B 102 1.82 -18.81 -6.52
C ILE B 102 3.06 -18.04 -6.95
N GLY B 103 2.88 -17.16 -7.93
CA GLY B 103 3.96 -16.35 -8.43
C GLY B 103 4.53 -15.45 -7.33
N VAL B 104 3.67 -14.98 -6.44
CA VAL B 104 4.09 -14.11 -5.34
C VAL B 104 4.94 -14.92 -4.38
N LYS B 105 4.49 -16.13 -4.06
CA LYS B 105 5.22 -16.99 -3.14
C LYS B 105 6.63 -17.26 -3.67
N ARG B 106 6.70 -17.51 -4.97
CA ARG B 106 7.96 -17.80 -5.64
C ARG B 106 8.91 -16.60 -5.62
N ALA B 107 8.38 -15.39 -5.70
CA ALA B 107 9.20 -14.20 -5.68
C ALA B 107 9.76 -13.95 -4.28
N CYS B 108 8.91 -14.21 -3.29
CA CYS B 108 9.29 -14.04 -1.90
C CYS B 108 10.35 -15.07 -1.53
N GLU B 109 10.15 -16.32 -1.97
CA GLU B 109 11.12 -17.37 -1.68
C GLU B 109 12.46 -16.98 -2.25
N PHE B 110 12.42 -16.43 -3.45
CA PHE B 110 13.63 -16.01 -4.13
C PHE B 110 14.35 -14.86 -3.46
N TYR B 111 13.66 -13.72 -3.33
CA TYR B 111 14.23 -12.53 -2.73
C TYR B 111 14.39 -12.60 -1.21
N LYS B 112 13.76 -13.58 -0.59
CA LYS B 112 13.85 -13.78 0.85
C LYS B 112 13.13 -12.70 1.65
N CYS B 113 11.90 -12.40 1.24
CA CYS B 113 11.07 -11.42 1.90
C CYS B 113 9.75 -12.15 2.11
N GLU B 114 8.76 -11.48 2.67
CA GLU B 114 7.52 -12.19 2.91
C GLU B 114 6.30 -11.32 2.98
N VAL B 115 5.16 -11.93 2.66
CA VAL B 115 3.91 -11.22 2.72
C VAL B 115 3.39 -11.41 4.14
N VAL B 116 2.98 -10.32 4.78
CA VAL B 116 2.48 -10.37 6.15
C VAL B 116 1.00 -10.04 6.22
N GLY B 117 0.49 -9.37 5.18
CA GLY B 117 -0.90 -9.01 5.16
C GLY B 117 -1.39 -8.34 3.90
N GLY B 118 -2.66 -7.91 3.94
CA GLY B 118 -3.32 -7.25 2.84
C GLY B 118 -4.83 -7.50 2.95
N ASN B 119 -5.60 -6.87 2.06
CA ASN B 119 -7.04 -7.04 2.08
C ASN B 119 -7.55 -7.15 0.67
N ILE B 120 -8.83 -7.53 0.53
CA ILE B 120 -9.39 -7.65 -0.79
C ILE B 120 -10.64 -6.78 -0.88
N SER B 121 -10.89 -6.24 -2.06
CA SER B 121 -12.02 -5.37 -2.30
C SER B 121 -12.59 -5.63 -3.70
N LYS B 122 -13.92 -5.55 -3.84
CA LYS B 122 -14.54 -5.80 -5.14
C LYS B 122 -14.18 -4.65 -6.06
N SER B 123 -14.10 -4.92 -7.35
CA SER B 123 -13.73 -3.88 -8.29
C SER B 123 -14.10 -4.24 -9.70
N GLU B 124 -14.43 -3.24 -10.50
CA GLU B 124 -14.80 -3.53 -11.88
C GLU B 124 -13.59 -4.17 -12.60
N LYS B 125 -12.38 -3.75 -12.24
CA LYS B 125 -11.16 -4.28 -12.86
C LYS B 125 -10.04 -4.69 -11.85
N ILE B 126 -9.10 -5.52 -12.29
CA ILE B 126 -8.02 -5.97 -11.42
C ILE B 126 -7.02 -4.86 -11.12
N GLY B 127 -6.90 -4.52 -9.84
CA GLY B 127 -5.97 -3.50 -9.41
C GLY B 127 -5.07 -4.15 -8.39
N ILE B 128 -3.77 -4.15 -8.64
CA ILE B 128 -2.81 -4.74 -7.72
C ILE B 128 -1.99 -3.63 -7.11
N SER B 129 -1.99 -3.57 -5.78
CA SER B 129 -1.26 -2.54 -5.06
C SER B 129 -0.38 -3.24 -4.02
N VAL B 130 0.92 -3.10 -4.17
CA VAL B 130 1.87 -3.75 -3.27
C VAL B 130 2.65 -2.78 -2.40
N PHE B 131 2.95 -3.23 -1.20
CA PHE B 131 3.68 -2.44 -0.23
C PHE B 131 4.86 -3.26 0.25
N LEU B 132 6.02 -2.67 0.28
CA LEU B 132 7.19 -3.40 0.70
C LEU B 132 8.09 -2.60 1.62
N VAL B 133 8.52 -3.26 2.68
CA VAL B 133 9.43 -2.63 3.62
C VAL B 133 10.76 -3.36 3.56
N GLY B 134 11.84 -2.59 3.52
CA GLY B 134 13.19 -3.16 3.48
C GLY B 134 14.19 -2.41 4.32
N GLU B 135 15.07 -3.13 5.00
CA GLU B 135 16.09 -2.50 5.84
C GLU B 135 17.37 -2.18 5.05
N THR B 136 18.21 -1.30 5.58
CA THR B 136 19.46 -0.92 4.93
C THR B 136 20.44 -0.42 5.96
N GLU B 137 21.72 -0.68 5.73
CA GLU B 137 22.74 -0.23 6.66
C GLU B 137 23.36 1.03 6.11
N ARG B 138 22.89 1.48 4.95
CA ARG B 138 23.40 2.70 4.33
C ARG B 138 22.53 3.11 3.15
N PHE B 139 21.83 4.22 3.29
CA PHE B 139 20.97 4.69 2.20
C PHE B 139 21.76 5.30 1.05
N VAL B 140 21.61 4.73 -0.13
CA VAL B 140 22.27 5.22 -1.32
C VAL B 140 21.16 5.73 -2.23
N GLY B 141 21.24 6.99 -2.64
CA GLY B 141 20.22 7.58 -3.49
C GLY B 141 20.66 8.29 -4.76
N ARG B 142 19.82 9.22 -5.23
CA ARG B 142 20.07 9.98 -6.47
C ARG B 142 21.01 11.20 -6.44
N ASP B 143 21.43 11.64 -5.25
CA ASP B 143 22.30 12.83 -5.20
C ASP B 143 23.78 12.54 -4.99
N GLY B 144 24.08 11.46 -4.26
CA GLY B 144 25.45 11.08 -3.97
C GLY B 144 26.50 11.09 -5.08
N ALA B 145 26.10 11.30 -6.33
CA ALA B 145 27.07 11.33 -7.44
C ALA B 145 28.28 12.17 -7.03
N ARG B 146 29.40 11.97 -7.72
CA ARG B 146 30.65 12.70 -7.45
C ARG B 146 31.48 12.91 -8.71
N LEU B 147 32.12 14.08 -8.81
CA LEU B 147 32.94 14.40 -9.97
C LEU B 147 34.00 13.31 -10.07
N GLY B 148 34.23 12.85 -11.29
CA GLY B 148 35.18 11.78 -11.51
C GLY B 148 34.51 10.44 -11.61
N ASP B 149 33.32 10.29 -11.01
CA ASP B 149 32.59 9.01 -11.05
C ASP B 149 32.29 8.52 -12.46
N SER B 150 32.42 7.21 -12.66
CA SER B 150 32.04 6.65 -13.96
C SER B 150 30.55 6.34 -13.81
N VAL B 151 29.86 6.10 -14.92
CA VAL B 151 28.44 5.80 -14.82
C VAL B 151 28.17 4.39 -15.35
N PHE B 152 27.65 3.53 -14.47
CA PHE B 152 27.36 2.14 -14.85
C PHE B 152 25.88 1.82 -14.83
N VAL B 153 25.53 0.75 -15.54
CA VAL B 153 24.16 0.22 -15.58
C VAL B 153 24.33 -1.31 -15.55
N SER B 154 23.38 -2.00 -14.94
CA SER B 154 23.46 -3.45 -14.89
C SER B 154 22.70 -3.99 -16.08
N GLY B 155 22.94 -5.25 -16.42
CA GLY B 155 22.25 -5.87 -17.54
C GLY B 155 22.31 -5.06 -18.82
N THR B 156 21.29 -5.24 -19.65
CA THR B 156 21.17 -4.54 -20.94
C THR B 156 19.94 -3.64 -20.89
N LEU B 157 19.76 -2.79 -21.89
CA LEU B 157 18.61 -1.90 -21.88
C LEU B 157 17.78 -2.02 -23.13
N GLY B 158 16.48 -1.75 -22.99
CA GLY B 158 15.55 -1.80 -24.10
C GLY B 158 14.69 -3.05 -24.20
N ASP B 159 15.15 -4.12 -23.56
CA ASP B 159 14.44 -5.39 -23.60
C ASP B 159 12.96 -5.35 -23.21
N SER B 160 12.67 -4.76 -22.06
CA SER B 160 11.28 -4.66 -21.60
C SER B 160 10.39 -3.96 -22.64
N ARG B 161 10.89 -2.92 -23.28
CA ARG B 161 10.09 -2.21 -24.28
C ARG B 161 9.75 -3.02 -25.52
N ALA B 162 10.70 -3.80 -26.01
CA ALA B 162 10.47 -4.61 -27.19
C ALA B 162 9.46 -5.71 -26.84
N GLY B 163 9.53 -6.20 -25.60
CA GLY B 163 8.64 -7.23 -25.11
C GLY B 163 7.19 -6.77 -24.99
N LEU B 164 7.00 -5.55 -24.51
CA LEU B 164 5.65 -5.00 -24.37
C LEU B 164 5.03 -4.82 -25.76
N GLU B 165 5.87 -4.44 -26.72
CA GLU B 165 5.42 -4.24 -28.08
C GLU B 165 5.08 -5.58 -28.72
N LEU B 166 5.87 -6.62 -28.40
CA LEU B 166 5.62 -7.96 -28.92
C LEU B 166 4.29 -8.47 -28.31
N LEU B 167 4.06 -8.16 -27.04
CA LEU B 167 2.82 -8.57 -26.42
C LEU B 167 1.68 -7.85 -27.13
N LEU B 168 1.81 -6.54 -27.31
CA LEU B 168 0.75 -5.79 -27.96
C LEU B 168 0.45 -6.33 -29.36
N MSE B 169 1.36 -7.09 -29.94
CA MSE B 169 1.07 -7.62 -31.28
C MSE B 169 0.09 -8.76 -31.16
O MSE B 169 -0.52 -9.19 -32.15
CB MSE B 169 2.34 -8.10 -31.98
CG MSE B 169 3.47 -7.08 -31.95
SE MSE B 169 4.96 -7.60 -33.06
CE MSE B 169 5.32 -9.35 -32.31
N GLU B 170 -0.06 -9.28 -29.95
CA GLU B 170 -0.96 -10.39 -29.68
C GLU B 170 -0.73 -11.60 -30.57
N LYS B 171 0.53 -11.92 -30.86
CA LYS B 171 0.84 -13.07 -31.68
C LYS B 171 0.35 -14.33 -30.96
N GLU B 172 0.25 -15.43 -31.71
CA GLU B 172 -0.19 -16.70 -31.16
C GLU B 172 1.01 -17.28 -30.42
N GLU B 173 2.12 -17.38 -31.14
CA GLU B 173 3.36 -17.89 -30.60
C GLU B 173 4.47 -16.91 -30.97
N TYR B 174 5.65 -17.07 -30.40
CA TYR B 174 6.75 -16.15 -30.71
C TYR B 174 8.04 -16.93 -30.87
N GLU B 175 9.03 -16.32 -31.52
CA GLU B 175 10.32 -16.97 -31.67
C GLU B 175 10.94 -16.86 -30.28
N PRO B 176 11.94 -17.66 -30.03
CA PRO B 176 12.62 -17.62 -28.71
C PRO B 176 13.21 -16.25 -28.40
N PHE B 177 13.93 -15.70 -29.37
CA PHE B 177 14.54 -14.40 -29.13
C PHE B 177 13.46 -13.43 -28.73
N GLU B 178 12.25 -13.64 -29.23
CA GLU B 178 11.14 -12.77 -28.90
C GLU B 178 10.59 -13.12 -27.52
N LEU B 179 10.63 -14.40 -27.17
CA LEU B 179 10.14 -14.82 -25.87
C LEU B 179 10.98 -14.25 -24.72
N ALA B 180 12.30 -14.36 -24.84
CA ALA B 180 13.21 -13.86 -23.83
C ALA B 180 12.96 -12.38 -23.57
N LEU B 181 12.50 -11.69 -24.61
CA LEU B 181 12.20 -10.26 -24.51
C LEU B 181 10.92 -10.02 -23.72
N ILE B 182 9.91 -10.84 -24.02
CA ILE B 182 8.61 -10.76 -23.36
C ILE B 182 8.79 -11.13 -21.89
N GLN B 183 9.54 -12.19 -21.65
CA GLN B 183 9.77 -12.64 -20.30
C GLN B 183 10.44 -11.55 -19.46
N ARG B 184 11.34 -10.78 -20.06
CA ARG B 184 12.05 -9.71 -19.36
C ARG B 184 11.08 -8.61 -18.93
N HIS B 185 9.97 -8.51 -19.65
CA HIS B 185 8.98 -7.49 -19.35
C HIS B 185 7.89 -8.04 -18.43
N LEU B 186 7.56 -9.31 -18.59
CA LEU B 186 6.52 -9.93 -17.79
C LEU B 186 7.01 -10.48 -16.45
N ARG B 187 8.13 -11.19 -16.48
CA ARG B 187 8.71 -11.79 -15.29
C ARG B 187 10.13 -11.30 -15.07
N PRO B 188 10.30 -9.98 -14.84
CA PRO B 188 11.65 -9.46 -14.63
C PRO B 188 12.26 -9.94 -13.30
N THR B 189 13.58 -9.93 -13.20
CA THR B 189 14.27 -10.32 -11.97
C THR B 189 15.02 -9.10 -11.42
N ALA B 190 14.72 -8.72 -10.18
CA ALA B 190 15.38 -7.59 -9.57
C ALA B 190 16.84 -7.99 -9.37
N ARG B 191 17.73 -7.01 -9.50
CA ARG B 191 19.15 -7.24 -9.35
C ARG B 191 19.54 -7.33 -7.90
N ILE B 192 18.84 -8.20 -7.18
CA ILE B 192 19.09 -8.34 -5.76
C ILE B 192 20.51 -8.81 -5.54
N ASP B 193 21.16 -9.17 -6.64
CA ASP B 193 22.56 -9.63 -6.65
C ASP B 193 23.56 -8.47 -6.68
N TYR B 194 23.06 -7.24 -6.66
CA TYR B 194 23.88 -6.03 -6.68
C TYR B 194 23.80 -5.32 -5.32
N VAL B 195 23.08 -5.89 -4.38
CA VAL B 195 22.95 -5.21 -3.10
C VAL B 195 24.28 -4.94 -2.45
N LYS B 196 25.10 -5.97 -2.24
CA LYS B 196 26.41 -5.78 -1.63
C LYS B 196 27.24 -4.71 -2.34
N HIS B 197 27.27 -4.78 -3.66
CA HIS B 197 28.05 -3.81 -4.42
C HIS B 197 27.55 -2.39 -4.26
N ILE B 198 26.23 -2.21 -4.35
CA ILE B 198 25.64 -0.88 -4.23
C ILE B 198 25.68 -0.30 -2.82
N GLN B 199 25.46 -1.16 -1.82
CA GLN B 199 25.46 -0.76 -0.41
C GLN B 199 26.90 -0.56 0.04
N LYS B 200 27.84 -0.53 -0.90
CA LYS B 200 29.25 -0.42 -0.54
C LYS B 200 30.10 0.45 -1.45
N TYR B 201 29.69 0.60 -2.71
CA TYR B 201 30.50 1.39 -3.62
C TYR B 201 29.78 2.48 -4.39
N ALA B 202 28.46 2.44 -4.42
CA ALA B 202 27.74 3.46 -5.15
C ALA B 202 27.61 4.77 -4.39
N ASN B 203 27.90 5.88 -5.08
CA ASN B 203 27.76 7.20 -4.49
C ASN B 203 26.39 7.68 -4.90
N ALA B 204 25.97 7.25 -6.09
CA ALA B 204 24.66 7.58 -6.63
C ALA B 204 24.09 6.27 -7.18
N SER B 205 22.81 5.99 -6.94
CA SER B 205 22.16 4.76 -7.44
C SER B 205 20.66 4.95 -7.62
N MSE B 206 20.05 4.12 -8.46
CA MSE B 206 18.62 4.19 -8.73
C MSE B 206 18.20 3.19 -9.81
O MSE B 206 18.98 2.85 -10.71
CB MSE B 206 18.23 5.57 -9.21
CG MSE B 206 18.37 5.75 -10.70
SE MSE B 206 17.85 7.55 -11.28
CE MSE B 206 19.59 8.38 -11.16
N ASP B 207 16.96 2.75 -9.73
CA ASP B 207 16.42 1.81 -10.71
C ASP B 207 15.96 2.56 -11.96
N ILE B 208 16.33 2.05 -13.12
CA ILE B 208 15.92 2.66 -14.36
C ILE B 208 14.45 2.23 -14.57
N SER B 209 13.55 3.17 -14.34
CA SER B 209 12.12 2.91 -14.43
C SER B 209 11.42 3.74 -15.48
N ASP B 210 11.99 4.91 -15.79
CA ASP B 210 11.39 5.77 -16.80
C ASP B 210 12.27 5.81 -18.06
N GLY B 211 13.32 5.01 -18.09
CA GLY B 211 14.21 5.02 -19.22
C GLY B 211 15.53 5.70 -18.87
N LEU B 212 16.60 5.29 -19.55
CA LEU B 212 17.91 5.85 -19.26
C LEU B 212 17.93 7.38 -19.21
N VAL B 213 17.84 8.01 -20.39
CA VAL B 213 17.84 9.47 -20.48
C VAL B 213 17.05 10.15 -19.38
N ALA B 214 15.78 9.77 -19.22
CA ALA B 214 14.93 10.36 -18.21
C ALA B 214 15.55 10.30 -16.81
N ASP B 215 15.89 9.10 -16.35
CA ASP B 215 16.47 8.94 -15.01
C ASP B 215 17.89 9.48 -14.82
N ALA B 216 18.66 9.60 -15.90
CA ALA B 216 20.01 10.14 -15.81
C ALA B 216 19.88 11.64 -15.50
N ASN B 217 18.76 12.23 -15.93
CA ASN B 217 18.50 13.64 -15.67
C ASN B 217 18.20 13.81 -14.19
N HIS B 218 17.27 12.99 -13.69
CA HIS B 218 16.91 13.04 -12.27
C HIS B 218 18.19 12.89 -11.48
N LEU B 219 19.07 12.07 -12.01
CA LEU B 219 20.34 11.86 -11.39
C LEU B 219 21.12 13.17 -11.42
N ALA B 220 21.42 13.66 -12.63
CA ALA B 220 22.17 14.90 -12.83
C ALA B 220 21.57 16.05 -12.01
N GLN B 221 20.30 16.35 -12.27
CA GLN B 221 19.62 17.41 -11.55
C GLN B 221 19.76 17.21 -10.04
N ARG B 222 19.32 16.06 -9.53
CA ARG B 222 19.39 15.80 -8.09
C ARG B 222 20.76 15.84 -7.43
N SER B 223 21.83 16.00 -8.19
CA SER B 223 23.15 16.11 -7.57
C SER B 223 24.01 17.18 -8.24
N GLY B 224 23.32 18.22 -8.71
CA GLY B 224 23.94 19.37 -9.34
C GLY B 224 25.02 19.06 -10.35
N VAL B 225 25.21 17.78 -10.65
CA VAL B 225 26.23 17.37 -11.59
C VAL B 225 25.72 17.23 -13.02
N LYS B 226 26.65 17.09 -13.95
CA LYS B 226 26.36 16.95 -15.37
C LYS B 226 26.88 15.56 -15.79
N ILE B 227 26.07 14.79 -16.53
CA ILE B 227 26.48 13.45 -16.95
C ILE B 227 26.72 13.33 -18.46
N GLU B 228 27.72 12.53 -18.84
CA GLU B 228 28.07 12.31 -20.23
C GLU B 228 28.05 10.81 -20.55
N ILE B 229 27.16 10.42 -21.47
CA ILE B 229 27.00 9.02 -21.87
C ILE B 229 27.39 8.78 -23.34
N LEU B 230 28.06 7.66 -23.60
CA LEU B 230 28.47 7.29 -24.95
C LEU B 230 27.55 6.19 -25.48
N SER B 231 26.72 6.54 -26.46
CA SER B 231 25.76 5.62 -27.04
C SER B 231 26.30 4.25 -27.41
N GLU B 232 27.56 4.19 -27.84
CA GLU B 232 28.16 2.91 -28.24
C GLU B 232 28.80 2.11 -27.10
N LYS B 233 28.42 2.48 -25.88
CA LYS B 233 28.89 1.82 -24.67
C LYS B 233 27.67 1.14 -24.04
N LEU B 234 26.49 1.65 -24.39
CA LEU B 234 25.20 1.16 -23.93
C LEU B 234 25.08 -0.34 -24.18
N PRO B 235 24.80 -1.12 -23.12
CA PRO B 235 24.64 -2.57 -23.15
C PRO B 235 23.40 -3.01 -23.89
N LEU B 236 23.62 -3.65 -25.03
CA LEU B 236 22.56 -4.12 -25.88
C LEU B 236 22.52 -5.63 -25.96
N SER B 237 21.34 -6.16 -25.72
CA SER B 237 21.14 -7.61 -25.75
C SER B 237 20.95 -8.12 -27.18
N ASN B 238 21.25 -9.40 -27.36
CA ASN B 238 21.13 -10.07 -28.64
C ASN B 238 19.71 -10.12 -29.22
N GLU B 239 18.71 -10.37 -28.38
CA GLU B 239 17.34 -10.40 -28.88
C GLU B 239 16.80 -9.00 -29.19
N LEU B 240 17.30 -7.99 -28.50
CA LEU B 240 16.87 -6.63 -28.78
C LEU B 240 17.43 -6.26 -30.15
N LYS B 241 18.65 -6.74 -30.41
CA LYS B 241 19.27 -6.47 -31.71
C LYS B 241 18.41 -7.11 -32.81
N MSE B 242 18.15 -8.40 -32.62
CA MSE B 242 17.35 -9.19 -33.55
C MSE B 242 15.95 -8.58 -33.70
O MSE B 242 15.47 -8.37 -34.81
CB MSE B 242 17.27 -10.62 -33.05
CG MSE B 242 18.65 -11.23 -32.78
SE MSE B 242 18.61 -13.10 -32.20
CE MSE B 242 18.91 -12.90 -30.27
N TYR B 243 15.30 -8.30 -32.57
CA TYR B 243 13.98 -7.70 -32.58
C TYR B 243 14.01 -6.46 -33.47
N CYS B 244 15.03 -5.64 -33.27
CA CYS B 244 15.21 -4.41 -34.04
C CYS B 244 15.34 -4.68 -35.53
N GLU B 245 16.31 -5.51 -35.90
CA GLU B 245 16.52 -5.83 -37.30
C GLU B 245 15.20 -6.34 -37.88
N LYS B 246 14.59 -7.32 -37.23
CA LYS B 246 13.35 -7.89 -37.71
C LYS B 246 12.22 -6.91 -37.88
N TYR B 247 12.05 -5.98 -36.94
CA TYR B 247 10.96 -5.00 -37.05
C TYR B 247 11.56 -3.66 -37.43
N GLY B 248 12.77 -3.73 -37.97
CA GLY B 248 13.49 -2.54 -38.42
C GLY B 248 13.41 -1.35 -37.51
N LYS B 249 14.21 -1.35 -36.45
CA LYS B 249 14.21 -0.23 -35.51
C LYS B 249 15.61 0.03 -34.99
N ASN B 250 15.79 1.14 -34.28
CA ASN B 250 17.13 1.44 -33.76
C ASN B 250 17.33 0.99 -32.33
N PRO B 251 18.16 -0.05 -32.15
CA PRO B 251 18.42 -0.56 -30.82
C PRO B 251 18.72 0.55 -29.84
N ILE B 252 19.52 1.53 -30.28
CA ILE B 252 19.89 2.63 -29.39
C ILE B 252 18.70 3.43 -28.90
N GLU B 253 17.77 3.73 -29.81
CA GLU B 253 16.58 4.49 -29.43
C GLU B 253 15.86 3.74 -28.30
N TYR B 254 16.05 2.43 -28.25
CA TYR B 254 15.43 1.60 -27.22
C TYR B 254 16.22 1.65 -25.92
N ALA B 255 17.55 1.69 -26.03
CA ALA B 255 18.39 1.75 -24.85
C ALA B 255 18.26 3.10 -24.14
N LEU B 256 18.14 4.17 -24.92
CA LEU B 256 18.01 5.50 -24.32
C LEU B 256 16.59 5.78 -23.86
N PHE B 257 15.61 5.30 -24.61
CA PHE B 257 14.23 5.55 -24.24
C PHE B 257 13.42 4.28 -24.05
N GLY B 258 13.97 3.30 -23.33
CA GLY B 258 13.26 2.05 -23.14
C GLY B 258 12.29 2.00 -21.97
N GLY B 259 12.14 3.11 -21.26
CA GLY B 259 11.25 3.12 -20.13
C GLY B 259 11.78 2.18 -19.06
N GLU B 260 10.87 1.52 -18.35
CA GLU B 260 11.26 0.62 -17.26
C GLU B 260 11.95 -0.66 -17.70
N ASP B 261 13.17 -0.87 -17.19
CA ASP B 261 13.97 -2.05 -17.49
C ASP B 261 14.36 -2.84 -16.26
N TYR B 262 14.10 -2.27 -15.10
CA TYR B 262 14.43 -2.90 -13.82
C TYR B 262 15.93 -3.16 -13.70
N GLN B 263 16.72 -2.27 -14.27
CA GLN B 263 18.18 -2.36 -14.17
C GLN B 263 18.65 -1.18 -13.34
N LEU B 264 19.84 -1.32 -12.77
CA LEU B 264 20.40 -0.26 -11.93
C LEU B 264 21.23 0.77 -12.70
N LEU B 265 21.15 2.02 -12.25
CA LEU B 265 21.93 3.11 -12.82
C LEU B 265 22.61 3.69 -11.59
N PHE B 266 23.92 3.45 -11.47
CA PHE B 266 24.68 3.90 -10.31
C PHE B 266 25.98 4.58 -10.71
N THR B 267 26.66 5.19 -9.76
CA THR B 267 27.93 5.84 -10.04
C THR B 267 28.94 5.65 -8.94
N HIS B 268 30.20 5.52 -9.36
CA HIS B 268 31.34 5.37 -8.47
C HIS B 268 32.64 5.34 -9.28
N PRO B 269 33.79 5.54 -8.59
CA PRO B 269 35.08 5.51 -9.32
C PRO B 269 35.28 4.21 -10.14
N LYS B 270 35.88 4.35 -11.32
CA LYS B 270 36.10 3.21 -12.21
C LYS B 270 36.86 2.05 -11.58
N GLU B 271 37.76 2.38 -10.66
CA GLU B 271 38.56 1.40 -9.97
C GLU B 271 37.72 0.29 -9.31
N ARG B 272 36.46 0.58 -8.99
CA ARG B 272 35.64 -0.42 -8.30
C ARG B 272 34.70 -1.36 -9.06
N TRP B 273 35.13 -1.90 -10.21
CA TRP B 273 34.26 -2.83 -10.92
C TRP B 273 34.37 -4.23 -10.32
N ASN B 274 33.24 -4.92 -10.22
CA ASN B 274 33.19 -6.26 -9.65
C ASN B 274 33.58 -7.34 -10.67
N PRO B 275 34.31 -8.39 -10.22
CA PRO B 275 34.76 -9.49 -11.06
C PRO B 275 33.65 -10.48 -11.43
N PHE B 276 32.47 -10.29 -10.85
CA PHE B 276 31.35 -11.20 -11.07
C PHE B 276 30.06 -10.61 -11.64
N LEU B 277 29.88 -9.29 -11.55
CA LEU B 277 28.66 -8.65 -12.05
C LEU B 277 28.78 -8.10 -13.47
N ASP B 278 27.73 -8.31 -14.27
CA ASP B 278 27.66 -7.86 -15.66
C ASP B 278 27.51 -6.34 -15.80
N MSE B 279 28.25 -5.66 -14.95
CA MSE B 279 28.32 -4.20 -14.88
C MSE B 279 28.88 -3.62 -16.19
O MSE B 279 29.77 -4.19 -16.80
CB MSE B 279 29.25 -3.90 -13.71
CG MSE B 279 29.21 -2.54 -13.13
SE MSE B 279 30.43 -2.61 -11.64
CE MSE B 279 29.88 -4.27 -10.79
N THR B 280 28.34 -2.48 -16.62
CA THR B 280 28.81 -1.84 -17.86
C THR B 280 28.91 -0.31 -17.71
N GLU B 281 30.11 0.23 -17.90
CA GLU B 281 30.28 1.67 -17.80
C GLU B 281 29.79 2.31 -19.09
N ILE B 282 28.95 3.32 -18.98
CA ILE B 282 28.41 3.95 -20.18
C ILE B 282 28.78 5.43 -20.35
N GLY B 283 29.30 6.03 -19.30
CA GLY B 283 29.67 7.42 -19.40
C GLY B 283 30.41 7.94 -18.19
N ARG B 284 30.50 9.25 -18.05
CA ARG B 284 31.21 9.86 -16.93
C ARG B 284 30.47 11.02 -16.28
N VAL B 285 30.79 11.27 -15.02
CA VAL B 285 30.20 12.36 -14.26
C VAL B 285 31.25 13.48 -14.25
N GLU B 286 30.82 14.69 -14.60
CA GLU B 286 31.71 15.85 -14.68
C GLU B 286 30.98 17.15 -14.45
N GLU B 287 31.72 18.24 -14.71
CA GLU B 287 31.25 19.61 -14.63
C GLU B 287 29.91 19.87 -13.93
N GLY B 288 28.88 20.25 -14.68
CA GLY B 288 27.59 20.48 -14.04
C GLY B 288 26.43 20.83 -14.97
N GLU B 289 25.22 20.54 -14.47
CA GLU B 289 23.94 20.83 -15.12
C GLU B 289 23.14 19.76 -15.88
N GLY B 290 23.61 19.28 -17.04
CA GLY B 290 22.78 18.30 -17.76
C GLY B 290 23.36 17.03 -18.36
N VAL B 291 22.49 16.22 -18.97
CA VAL B 291 22.93 14.95 -19.57
C VAL B 291 23.20 15.05 -21.07
N PHE B 292 24.27 14.40 -21.50
CA PHE B 292 24.68 14.42 -22.90
C PHE B 292 24.97 13.02 -23.49
N VAL B 293 24.62 12.83 -24.75
CA VAL B 293 24.81 11.56 -25.43
C VAL B 293 25.65 11.83 -26.65
N ASP B 294 26.71 11.06 -26.82
CA ASP B 294 27.56 11.26 -27.99
C ASP B 294 27.93 12.73 -28.18
N GLY B 295 27.86 13.50 -27.09
CA GLY B 295 28.19 14.91 -27.16
C GLY B 295 27.05 15.89 -27.24
N LYS B 296 25.90 15.44 -27.72
CA LYS B 296 24.72 16.31 -27.89
C LYS B 296 23.72 16.19 -26.73
N LYS B 297 23.39 17.32 -26.11
CA LYS B 297 22.44 17.34 -24.99
C LYS B 297 21.21 16.50 -25.37
N VAL B 298 20.55 15.91 -24.37
CA VAL B 298 19.35 15.09 -24.63
C VAL B 298 18.36 15.14 -23.47
N GLU B 299 17.07 15.25 -23.81
CA GLU B 299 16.00 15.29 -22.80
C GLU B 299 14.83 14.36 -23.20
N PRO B 300 14.11 13.82 -22.19
CA PRO B 300 12.96 12.92 -22.35
C PRO B 300 11.93 13.37 -23.37
P PO4 C . -23.82 11.84 22.34
O1 PO4 C . -23.59 11.98 20.88
O2 PO4 C . -22.95 10.74 22.88
O3 PO4 C . -23.49 13.17 23.03
O4 PO4 C . -25.26 11.50 22.60
P PO4 D . -14.52 18.86 7.27
P PO4 D . -12.03 17.49 6.62
O1 PO4 D . -14.66 19.48 8.61
O1 PO4 D . -10.92 18.45 6.83
O2 PO4 D . -15.70 18.01 6.97
O2 PO4 D . -12.26 17.30 5.20
O3 PO4 D . -14.41 19.92 6.24
O3 PO4 D . -11.67 16.19 7.25
O4 PO4 D . -13.28 18.02 7.24
P PO4 E . 22.12 -11.65 -23.94
O1 PO4 E . 23.00 -11.28 -25.05
O2 PO4 E . 22.70 -11.18 -22.66
O3 PO4 E . 20.80 -11.04 -24.13
O4 PO4 E . 21.97 -13.13 -23.89
P PO4 F . 6.38 -18.85 -14.83
P PO4 F . 5.99 -17.56 -12.26
O1 PO4 F . 7.65 -19.62 -14.92
O1 PO4 F . 6.36 -18.61 -11.28
O2 PO4 F . 6.22 -18.02 -16.05
O2 PO4 F . 4.53 -17.39 -12.24
O3 PO4 F . 5.23 -19.79 -14.71
O3 PO4 F . 6.64 -16.29 -11.90
O4 PO4 F . 6.43 -17.95 -13.64
#